data_4J0L
#
_entry.id   4J0L
#
_cell.length_a   78.783
_cell.length_b   78.783
_cell.length_c   95.123
_cell.angle_alpha   90.00
_cell.angle_beta   90.00
_cell.angle_gamma   90.00
#
_symmetry.space_group_name_H-M   'P 43 21 2'
#
loop_
_entity.id
_entity.type
_entity.pdbx_description
1 polymer 'Basic endochitinase C'
2 branched 2-acetamido-2-deoxy-beta-D-glucopyranose-(1-4)-2-acetamido-2-deoxy-beta-D-glucopyranose-(1-4)-2-acetamido-2-deoxy-beta-D-glucopyranose-(1-4)-2-acetamido-2-deoxy-beta-D-glucopyranose
3 non-polymer 1,2-ETHANEDIOL
4 non-polymer 'SULFATE ION'
5 water water
#
_entity_poly.entity_id   1
_entity_poly.type   'polypeptide(L)'
_entity_poly.pdbx_seq_one_letter_code
;MSVSSIISHAQFDRMLLHRNDGACQAKGFYTYDAFVAAANAFPGFGATGSTDARKRDVAAFLAQTSHQTTGGAATAPDGA
FAWGYCFKQERGAAADYCTPSAQWPCAPGKRYYGRGPIQLSHNYNYGPAGRAIGVDLLRNPDLVATDPTVSFKTALWFWM
TAQAPKPSSHAVITGKWSPSGADRAAGRAPGFGVITNIINGGLECGHGQDSRVADRIGFYKRYCDILGVGYGDNLDCYNQ
RPFA
;
_entity_poly.pdbx_strand_id   A
#
loop_
_chem_comp.id
_chem_comp.type
_chem_comp.name
_chem_comp.formula
EDO non-polymer 1,2-ETHANEDIOL 'C2 H6 O2'
NAG D-saccharide, beta linking 2-acetamido-2-deoxy-beta-D-glucopyranose 'C8 H15 N O6'
SO4 non-polymer 'SULFATE ION' 'O4 S -2'
#
# COMPACT_ATOMS: atom_id res chain seq x y z
N SER A 2 -11.78 -5.91 -14.54
CA SER A 2 -11.31 -4.51 -14.44
C SER A 2 -9.85 -4.48 -13.97
N VAL A 3 -9.55 -5.11 -12.84
CA VAL A 3 -8.16 -5.31 -12.46
C VAL A 3 -7.51 -6.31 -13.44
N SER A 4 -8.23 -7.38 -13.78
CA SER A 4 -7.70 -8.37 -14.72
C SER A 4 -7.60 -7.82 -16.15
N SER A 5 -8.35 -6.76 -16.44
CA SER A 5 -8.23 -6.07 -17.72
C SER A 5 -7.01 -5.14 -17.78
N ILE A 6 -6.45 -4.82 -16.61
CA ILE A 6 -5.29 -3.93 -16.53
C ILE A 6 -4.00 -4.71 -16.26
N ILE A 7 -4.09 -5.73 -15.42
CA ILE A 7 -2.94 -6.55 -15.11
C ILE A 7 -3.27 -8.04 -15.18
N SER A 8 -2.54 -8.75 -16.03
CA SER A 8 -2.74 -10.18 -16.23
C SER A 8 -2.00 -10.97 -15.14
N HIS A 9 -2.30 -12.26 -15.03
CA HIS A 9 -1.60 -13.13 -14.11
C HIS A 9 -0.10 -13.14 -14.43
N ALA A 10 0.23 -13.17 -15.73
CA ALA A 10 1.63 -13.13 -16.16
C ALA A 10 2.36 -11.85 -15.74
N GLN A 11 1.68 -10.71 -15.86
CA GLN A 11 2.26 -9.43 -15.47
C GLN A 11 2.45 -9.34 -13.96
N PHE A 12 1.45 -9.85 -13.23
CA PHE A 12 1.48 -9.92 -11.77
C PHE A 12 2.69 -10.73 -11.29
N ASP A 13 2.91 -11.88 -11.93
CA ASP A 13 4.06 -12.72 -11.60
C ASP A 13 5.40 -12.12 -11.96
N ARG A 14 5.47 -11.39 -13.07
CA ARG A 14 6.71 -10.73 -13.47
C ARG A 14 7.07 -9.66 -12.46
N MET A 15 6.08 -8.89 -12.03
CA MET A 15 6.26 -7.87 -11.00
C MET A 15 6.73 -8.51 -9.70
N LEU A 16 5.91 -9.43 -9.19
CA LEU A 16 6.18 -10.09 -7.90
C LEU A 16 6.95 -11.39 -8.14
N LEU A 17 8.12 -11.23 -8.75
CA LEU A 17 8.91 -12.33 -9.30
C LEU A 17 9.41 -13.32 -8.26
N HIS A 18 9.84 -12.80 -7.12
CA HIS A 18 10.52 -13.63 -6.13
C HIS A 18 9.74 -13.86 -4.83
N ARG A 19 8.45 -13.52 -4.82
CA ARG A 19 7.66 -13.61 -3.59
C ARG A 19 7.63 -15.03 -3.02
N ASN A 20 7.76 -16.02 -3.90
CA ASN A 20 7.71 -17.44 -3.48
C ASN A 20 9.08 -18.11 -3.36
N ASP A 21 10.13 -17.28 -3.26
CA ASP A 21 11.48 -17.73 -2.89
C ASP A 21 11.48 -18.24 -1.45
N GLY A 22 12.40 -19.17 -1.16
CA GLY A 22 12.60 -19.66 0.21
C GLY A 22 13.00 -18.57 1.20
N ALA A 23 13.62 -17.50 0.69
CA ALA A 23 14.03 -16.38 1.53
C ALA A 23 12.86 -15.54 2.04
N CYS A 24 11.66 -15.84 1.56
CA CYS A 24 10.47 -15.04 1.88
C CYS A 24 9.51 -15.73 2.84
N GLN A 25 9.22 -15.07 3.96
CA GLN A 25 8.32 -15.64 4.97
C GLN A 25 6.92 -15.92 4.43
N ALA A 26 6.42 -15.05 3.56
CA ALA A 26 5.06 -15.20 3.02
C ALA A 26 4.94 -16.16 1.84
N LYS A 27 6.01 -16.90 1.54
CA LYS A 27 6.01 -17.85 0.42
C LYS A 27 4.68 -18.61 0.32
N GLY A 28 4.03 -18.48 -0.83
CA GLY A 28 2.78 -19.20 -1.14
C GLY A 28 1.50 -18.52 -0.69
N PHE A 29 1.63 -17.40 0.02
CA PHE A 29 0.48 -16.72 0.63
C PHE A 29 -0.25 -15.84 -0.37
N TYR A 30 0.51 -14.97 -1.04
CA TYR A 30 -0.07 -13.99 -1.94
C TYR A 30 -0.30 -14.59 -3.33
N THR A 31 -1.56 -14.66 -3.73
CA THR A 31 -1.93 -15.21 -5.03
C THR A 31 -2.63 -14.17 -5.90
N TYR A 32 -2.51 -14.32 -7.22
CA TYR A 32 -3.27 -13.51 -8.18
C TYR A 32 -4.77 -13.59 -7.91
N ASP A 33 -5.28 -14.80 -7.66
CA ASP A 33 -6.70 -15.00 -7.38
C ASP A 33 -7.19 -14.17 -6.18
N ALA A 34 -6.41 -14.12 -5.11
CA ALA A 34 -6.79 -13.36 -3.92
C ALA A 34 -6.80 -11.86 -4.22
N PHE A 35 -5.82 -11.40 -4.98
CA PHE A 35 -5.75 -10.02 -5.43
C PHE A 35 -6.99 -9.65 -6.24
N VAL A 36 -7.31 -10.48 -7.23
CA VAL A 36 -8.50 -10.27 -8.07
C VAL A 36 -9.79 -10.31 -7.23
N ALA A 37 -9.90 -11.28 -6.34
CA ALA A 37 -11.06 -11.39 -5.45
C ALA A 37 -11.25 -10.15 -4.59
N ALA A 38 -10.15 -9.67 -4.00
CA ALA A 38 -10.18 -8.45 -3.19
C ALA A 38 -10.66 -7.24 -4.00
N ALA A 39 -10.15 -7.13 -5.23
CA ALA A 39 -10.49 -5.99 -6.11
C ALA A 39 -11.99 -5.91 -6.43
N ASN A 40 -12.68 -7.04 -6.41
CA ASN A 40 -14.15 -7.07 -6.61
C ASN A 40 -14.89 -6.29 -5.53
N ALA A 41 -14.31 -6.23 -4.34
CA ALA A 41 -14.88 -5.45 -3.25
C ALA A 41 -14.70 -3.94 -3.44
N PHE A 42 -13.78 -3.54 -4.33
CA PHE A 42 -13.50 -2.11 -4.57
C PHE A 42 -13.53 -1.79 -6.07
N PRO A 43 -14.75 -1.69 -6.64
CA PRO A 43 -14.98 -1.58 -8.09
C PRO A 43 -14.25 -0.42 -8.77
N GLY A 44 -13.97 0.65 -8.05
CA GLY A 44 -13.26 1.81 -8.62
C GLY A 44 -11.77 1.58 -8.85
N PHE A 45 -11.19 0.62 -8.13
CA PHE A 45 -9.75 0.37 -8.22
C PHE A 45 -9.37 -0.22 -9.59
N GLY A 46 -8.43 0.44 -10.27
CA GLY A 46 -8.02 0.08 -11.63
C GLY A 46 -9.16 0.20 -12.64
N ALA A 47 -10.19 0.97 -12.31
CA ALA A 47 -11.37 1.13 -13.16
C ALA A 47 -11.88 2.58 -13.15
N THR A 48 -11.01 3.50 -12.78
CA THR A 48 -11.34 4.92 -12.71
C THR A 48 -10.43 5.72 -13.62
N GLY A 49 -11.04 6.45 -14.55
CA GLY A 49 -10.29 7.32 -15.46
C GLY A 49 -9.83 6.63 -16.72
N SER A 50 -8.88 7.25 -17.42
CA SER A 50 -8.33 6.70 -18.65
C SER A 50 -7.61 5.38 -18.40
N THR A 51 -7.25 4.69 -19.47
CA THR A 51 -6.45 3.47 -19.37
C THR A 51 -5.12 3.74 -18.66
N ASP A 52 -4.51 4.90 -18.95
CA ASP A 52 -3.28 5.32 -18.26
C ASP A 52 -3.49 5.51 -16.75
N ALA A 53 -4.59 6.15 -16.38
CA ALA A 53 -4.91 6.35 -14.97
C ALA A 53 -5.15 5.01 -14.27
N ARG A 54 -5.80 4.07 -14.96
CA ARG A 54 -6.06 2.74 -14.41
C ARG A 54 -4.76 1.94 -14.21
N LYS A 55 -3.85 2.07 -15.16
CA LYS A 55 -2.53 1.45 -15.07
C LYS A 55 -1.74 2.03 -13.91
N ARG A 56 -1.74 3.36 -13.76
CA ARG A 56 -1.04 4.01 -12.66
C ARG A 56 -1.63 3.59 -11.30
N ASP A 57 -2.96 3.47 -11.25
CA ASP A 57 -3.67 3.07 -10.04
C ASP A 57 -3.15 1.69 -9.58
N VAL A 58 -3.14 0.74 -10.51
CA VAL A 58 -2.66 -0.62 -10.21
C VAL A 58 -1.17 -0.67 -9.93
N ALA A 59 -0.37 -0.01 -10.77
CA ALA A 59 1.10 0.03 -10.58
C ALA A 59 1.49 0.68 -9.25
N ALA A 60 0.87 1.81 -8.92
CA ALA A 60 1.18 2.52 -7.68
C ALA A 60 0.79 1.68 -6.46
N PHE A 61 -0.40 1.06 -6.51
CA PHE A 61 -0.85 0.18 -5.44
C PHE A 61 0.16 -0.94 -5.21
N LEU A 62 0.49 -1.66 -6.27
CA LEU A 62 1.41 -2.78 -6.14
C LEU A 62 2.82 -2.31 -5.73
N ALA A 63 3.23 -1.13 -6.19
CA ALA A 63 4.56 -0.61 -5.83
C ALA A 63 4.68 -0.24 -4.36
N GLN A 64 3.67 0.48 -3.85
CA GLN A 64 3.66 0.93 -2.46
C GLN A 64 3.62 -0.28 -1.53
N THR A 65 2.71 -1.21 -1.83
CA THR A 65 2.57 -2.45 -1.06
C THR A 65 3.80 -3.35 -1.21
N SER A 66 4.42 -3.36 -2.40
CA SER A 66 5.68 -4.10 -2.59
C SER A 66 6.76 -3.60 -1.64
N HIS A 67 6.92 -2.28 -1.52
CA HIS A 67 7.87 -1.75 -0.53
C HIS A 67 7.51 -2.17 0.90
N GLN A 68 6.23 -2.02 1.26
CA GLN A 68 5.76 -2.37 2.61
C GLN A 68 6.17 -3.78 3.03
N THR A 69 6.33 -4.65 2.04
CA THR A 69 6.54 -6.07 2.28
C THR A 69 7.85 -6.57 1.64
N THR A 70 8.74 -5.64 1.28
CA THR A 70 9.91 -6.02 0.47
C THR A 70 10.93 -6.89 1.20
N GLY A 71 11.54 -7.81 0.46
CA GLY A 71 12.74 -8.54 0.91
C GLY A 71 13.93 -8.18 0.06
N GLY A 72 13.81 -7.10 -0.70
CA GLY A 72 14.81 -6.73 -1.69
C GLY A 72 16.11 -6.15 -1.15
N ALA A 73 17.14 -6.20 -1.98
CA ALA A 73 18.41 -5.54 -1.77
C ALA A 73 18.93 -5.12 -3.14
N ALA A 74 19.78 -4.11 -3.17
CA ALA A 74 20.28 -3.56 -4.44
C ALA A 74 20.87 -4.64 -5.35
N THR A 75 21.60 -5.58 -4.74
CA THR A 75 22.28 -6.62 -5.49
C THR A 75 21.54 -7.96 -5.46
N ALA A 76 20.25 -7.92 -5.10
CA ALA A 76 19.41 -9.13 -5.11
C ALA A 76 19.17 -9.60 -6.55
N PRO A 77 18.92 -10.92 -6.71
CA PRO A 77 18.56 -11.45 -8.03
C PRO A 77 17.44 -10.66 -8.67
N ASP A 78 17.70 -10.14 -9.87
CA ASP A 78 16.75 -9.33 -10.65
C ASP A 78 16.46 -7.94 -10.08
N GLY A 79 17.28 -7.51 -9.12
CA GLY A 79 17.21 -6.16 -8.58
C GLY A 79 16.29 -6.05 -7.38
N ALA A 80 16.43 -4.94 -6.64
CA ALA A 80 15.66 -4.71 -5.42
C ALA A 80 14.15 -4.70 -5.68
N PHE A 81 13.77 -4.36 -6.91
CA PHE A 81 12.37 -4.11 -7.24
C PHE A 81 11.65 -5.31 -7.84
N ALA A 82 12.23 -6.48 -7.60
CA ALA A 82 11.62 -7.76 -7.96
C ALA A 82 11.26 -8.56 -6.70
N TRP A 83 11.47 -7.94 -5.54
CA TRP A 83 11.34 -8.65 -4.26
C TRP A 83 10.20 -8.14 -3.35
N GLY A 84 9.17 -7.58 -3.96
CA GLY A 84 7.97 -7.19 -3.22
C GLY A 84 7.20 -8.40 -2.70
N TYR A 85 6.36 -8.19 -1.69
CA TYR A 85 5.44 -9.22 -1.19
C TYR A 85 6.15 -10.44 -0.60
N CYS A 86 7.30 -10.17 0.02
CA CYS A 86 8.16 -11.18 0.62
C CYS A 86 7.69 -11.46 2.04
N PHE A 87 7.17 -10.44 2.70
CA PHE A 87 6.67 -10.56 4.09
C PHE A 87 5.15 -10.30 4.16
N LYS A 88 4.53 -10.76 5.24
CA LYS A 88 3.13 -10.46 5.52
C LYS A 88 2.88 -9.90 6.93
N GLN A 89 3.92 -9.90 7.77
CA GLN A 89 3.85 -9.36 9.13
C GLN A 89 5.07 -8.50 9.41
N GLU A 90 4.85 -7.38 10.09
CA GLU A 90 5.93 -6.44 10.43
C GLU A 90 7.07 -7.17 11.16
N ARG A 91 8.30 -7.01 10.69
CA ARG A 91 9.46 -7.68 11.28
C ARG A 91 9.80 -7.04 12.61
N GLY A 92 10.02 -7.86 13.64
CA GLY A 92 10.38 -7.36 14.97
C GLY A 92 9.52 -6.17 15.38
N ALA A 93 8.20 -6.33 15.27
CA ALA A 93 7.26 -5.27 15.64
C ALA A 93 7.43 -4.97 17.11
N ALA A 94 7.66 -3.69 17.40
CA ALA A 94 8.06 -3.27 18.72
C ALA A 94 6.91 -2.82 19.61
N ALA A 95 5.69 -2.81 19.06
CA ALA A 95 4.58 -2.14 19.75
C ALA A 95 3.19 -2.77 19.57
N ASP A 96 2.29 -2.45 20.50
CA ASP A 96 0.88 -2.83 20.43
C ASP A 96 0.14 -2.04 19.36
N TYR A 97 0.60 -0.82 19.12
CA TYR A 97 -0.09 0.15 18.26
C TYR A 97 -1.56 0.29 18.63
N CYS A 98 -1.80 0.46 19.93
CA CYS A 98 -3.14 0.76 20.43
C CYS A 98 -3.17 2.19 20.95
N THR A 99 -3.76 3.07 20.15
CA THR A 99 -3.95 4.46 20.54
C THR A 99 -5.37 4.59 21.04
N PRO A 100 -5.55 4.73 22.38
CA PRO A 100 -6.91 4.70 22.96
C PRO A 100 -7.86 5.68 22.27
N SER A 101 -9.08 5.22 22.00
CA SER A 101 -10.16 6.08 21.51
C SER A 101 -11.51 5.41 21.76
N ALA A 102 -12.55 6.24 21.84
CA ALA A 102 -13.92 5.76 22.01
C ALA A 102 -14.39 4.99 20.77
N GLN A 103 -13.86 5.36 19.61
CA GLN A 103 -14.30 4.80 18.33
C GLN A 103 -13.77 3.38 18.06
N TRP A 104 -12.51 3.15 18.41
CA TRP A 104 -11.83 1.89 18.09
C TRP A 104 -11.21 1.23 19.33
N PRO A 105 -12.05 0.56 20.15
CA PRO A 105 -11.50 -0.07 21.35
C PRO A 105 -10.57 -1.23 21.01
N CYS A 106 -9.43 -1.28 21.69
CA CYS A 106 -8.45 -2.34 21.49
C CYS A 106 -8.85 -3.60 22.24
N ALA A 107 -8.71 -4.74 21.57
CA ALA A 107 -9.01 -6.03 22.21
C ALA A 107 -7.84 -6.46 23.10
N PRO A 108 -8.14 -6.94 24.33
CA PRO A 108 -7.12 -7.41 25.25
C PRO A 108 -6.18 -8.43 24.61
N GLY A 109 -4.88 -8.22 24.78
CA GLY A 109 -3.87 -9.15 24.29
C GLY A 109 -3.58 -9.11 22.80
N LYS A 110 -4.27 -8.23 22.07
CA LYS A 110 -4.08 -8.12 20.62
C LYS A 110 -3.13 -6.98 20.29
N ARG A 111 -2.47 -7.09 19.13
CA ARG A 111 -1.55 -6.06 18.67
C ARG A 111 -1.85 -5.68 17.23
N TYR A 112 -1.69 -4.40 16.92
CA TYR A 112 -2.06 -3.87 15.62
C TYR A 112 -0.84 -3.38 14.86
N TYR A 113 0.21 -4.19 14.89
CA TYR A 113 1.39 -3.94 14.07
C TYR A 113 1.06 -4.22 12.60
N GLY A 114 2.01 -3.89 11.71
CA GLY A 114 1.81 -4.06 10.26
C GLY A 114 1.48 -5.47 9.81
N ARG A 115 0.39 -5.60 9.05
CA ARG A 115 0.02 -6.89 8.46
C ARG A 115 -0.48 -6.71 7.03
N GLY A 116 -0.19 -7.70 6.19
CA GLY A 116 -0.67 -7.69 4.82
C GLY A 116 0.11 -6.74 3.91
N PRO A 117 -0.37 -6.58 2.66
CA PRO A 117 0.32 -5.80 1.62
C PRO A 117 0.57 -4.33 1.98
N ILE A 118 -0.40 -3.67 2.64
CA ILE A 118 -0.21 -2.26 3.01
C ILE A 118 0.46 -2.13 4.39
N GLN A 119 0.72 -3.26 5.04
CA GLN A 119 1.22 -3.29 6.41
C GLN A 119 0.33 -2.40 7.28
N LEU A 120 -0.97 -2.69 7.21
CA LEU A 120 -2.00 -2.01 7.97
C LEU A 120 -1.61 -2.03 9.44
N SER A 121 -1.63 -0.85 10.07
N SER A 121 -1.63 -0.86 10.08
CA SER A 121 -1.24 -0.69 11.47
CA SER A 121 -1.26 -0.76 11.48
C SER A 121 -2.22 0.18 12.23
C SER A 121 -2.17 0.19 12.25
N HIS A 122 -2.21 0.03 13.56
CA HIS A 122 -3.01 0.84 14.51
C HIS A 122 -4.45 0.37 14.62
N ASN A 123 -4.99 0.38 15.84
CA ASN A 123 -6.40 0.06 16.05
C ASN A 123 -7.31 0.94 15.19
N TYR A 124 -6.91 2.19 14.97
CA TYR A 124 -7.71 3.13 14.18
C TYR A 124 -7.74 2.85 12.67
N ASN A 125 -6.92 1.90 12.21
CA ASN A 125 -7.04 1.38 10.86
C ASN A 125 -7.68 0.01 10.80
N TYR A 126 -7.30 -0.88 11.72
CA TYR A 126 -7.93 -2.21 11.79
C TYR A 126 -9.44 -2.11 12.02
N GLY A 127 -9.85 -1.17 12.86
CA GLY A 127 -11.26 -0.94 13.14
C GLY A 127 -12.11 -0.68 11.89
N PRO A 128 -11.85 0.44 11.19
CA PRO A 128 -12.65 0.76 10.00
C PRO A 128 -12.44 -0.20 8.84
N ALA A 129 -11.23 -0.72 8.66
CA ALA A 129 -10.98 -1.75 7.63
C ALA A 129 -11.88 -2.96 7.84
N GLY A 130 -11.93 -3.45 9.08
CA GLY A 130 -12.79 -4.58 9.43
C GLY A 130 -14.26 -4.29 9.15
N ARG A 131 -14.73 -3.13 9.61
CA ARG A 131 -16.12 -2.71 9.37
C ARG A 131 -16.47 -2.69 7.88
N ALA A 132 -15.56 -2.16 7.06
CA ALA A 132 -15.75 -2.10 5.61
C ALA A 132 -15.85 -3.48 4.96
N ILE A 133 -15.05 -4.44 5.43
CA ILE A 133 -15.02 -5.75 4.79
C ILE A 133 -15.89 -6.82 5.49
N GLY A 134 -16.47 -6.45 6.63
CA GLY A 134 -17.41 -7.31 7.36
C GLY A 134 -16.73 -8.38 8.19
N VAL A 135 -15.57 -8.05 8.75
CA VAL A 135 -14.78 -8.96 9.56
C VAL A 135 -14.30 -8.16 10.77
N ASP A 136 -14.39 -8.73 11.98
CA ASP A 136 -13.96 -8.01 13.18
C ASP A 136 -12.45 -8.09 13.36
N LEU A 137 -11.75 -7.11 12.81
CA LEU A 137 -10.29 -7.07 12.81
C LEU A 137 -9.68 -6.43 14.06
N LEU A 138 -10.50 -5.76 14.87
CA LEU A 138 -10.05 -5.31 16.19
C LEU A 138 -9.90 -6.53 17.09
N ARG A 139 -10.85 -7.46 16.98
CA ARG A 139 -10.82 -8.68 17.79
C ARG A 139 -9.92 -9.76 17.22
N ASN A 140 -9.81 -9.79 15.88
CA ASN A 140 -9.02 -10.81 15.21
C ASN A 140 -8.05 -10.24 14.16
N PRO A 141 -7.11 -9.37 14.59
CA PRO A 141 -6.22 -8.71 13.63
C PRO A 141 -5.34 -9.68 12.85
N ASP A 142 -5.06 -10.84 13.45
CA ASP A 142 -4.23 -11.88 12.85
C ASP A 142 -4.76 -12.33 11.48
N LEU A 143 -6.07 -12.17 11.27
CA LEU A 143 -6.70 -12.55 9.99
C LEU A 143 -6.10 -11.85 8.77
N VAL A 144 -5.57 -10.64 8.98
CA VAL A 144 -4.88 -9.90 7.92
C VAL A 144 -3.59 -10.63 7.49
N ALA A 145 -3.06 -11.46 8.37
CA ALA A 145 -1.84 -12.21 8.04
C ALA A 145 -2.11 -13.68 7.69
N THR A 146 -3.34 -14.15 7.87
CA THR A 146 -3.61 -15.58 7.63
C THR A 146 -4.60 -15.89 6.50
N ASP A 147 -5.40 -14.91 6.11
CA ASP A 147 -6.36 -15.05 5.01
C ASP A 147 -5.94 -14.09 3.90
N PRO A 148 -5.51 -14.64 2.75
CA PRO A 148 -4.98 -13.83 1.64
C PRO A 148 -5.98 -12.82 1.08
N THR A 149 -7.25 -13.20 0.97
CA THR A 149 -8.26 -12.30 0.43
C THR A 149 -8.53 -11.14 1.39
N VAL A 150 -8.71 -11.46 2.68
CA VAL A 150 -8.82 -10.43 3.72
C VAL A 150 -7.57 -9.53 3.68
N SER A 151 -6.40 -10.16 3.54
CA SER A 151 -5.14 -9.43 3.49
C SER A 151 -5.17 -8.36 2.39
N PHE A 152 -5.45 -8.77 1.15
CA PHE A 152 -5.54 -7.81 0.04
C PHE A 152 -6.65 -6.78 0.22
N LYS A 153 -7.79 -7.21 0.76
CA LYS A 153 -8.92 -6.30 1.00
C LYS A 153 -8.57 -5.16 1.95
N THR A 154 -7.79 -5.45 3.00
CA THR A 154 -7.40 -4.38 3.93
C THR A 154 -6.50 -3.37 3.24
N ALA A 155 -5.63 -3.86 2.36
CA ALA A 155 -4.71 -3.01 1.61
C ALA A 155 -5.49 -2.12 0.65
N LEU A 156 -6.43 -2.72 -0.09
CA LEU A 156 -7.30 -1.95 -0.97
C LEU A 156 -8.19 -0.97 -0.20
N TRP A 157 -8.72 -1.39 0.94
CA TRP A 157 -9.46 -0.45 1.80
C TRP A 157 -8.62 0.79 2.11
N PHE A 158 -7.37 0.59 2.52
CA PHE A 158 -6.53 1.74 2.84
C PHE A 158 -6.31 2.63 1.63
N TRP A 159 -6.03 1.99 0.49
CA TRP A 159 -5.80 2.65 -0.78
C TRP A 159 -6.99 3.53 -1.22
N MET A 160 -8.19 3.02 -0.99
CA MET A 160 -9.42 3.62 -1.53
C MET A 160 -10.08 4.62 -0.58
N THR A 161 -9.59 4.69 0.65
CA THR A 161 -10.33 5.41 1.70
C THR A 161 -9.65 6.70 2.15
N ALA A 162 -10.32 7.82 1.93
CA ALA A 162 -9.89 9.12 2.48
C ALA A 162 -9.97 9.09 4.01
N GLN A 163 -9.00 9.72 4.67
CA GLN A 163 -9.03 9.93 6.10
C GLN A 163 -8.66 11.38 6.37
N ALA A 164 -9.67 12.25 6.44
CA ALA A 164 -9.42 13.70 6.52
C ALA A 164 -8.33 14.03 7.55
N PRO A 165 -7.36 14.89 7.17
CA PRO A 165 -7.22 15.68 5.94
C PRO A 165 -6.53 15.01 4.75
N LYS A 166 -6.27 13.71 4.84
CA LYS A 166 -5.68 12.96 3.72
C LYS A 166 -6.77 12.56 2.72
N PRO A 167 -6.49 12.73 1.42
CA PRO A 167 -7.35 12.13 0.40
C PRO A 167 -7.05 10.63 0.32
N SER A 168 -7.84 9.87 -0.43
CA SER A 168 -7.46 8.48 -0.72
C SER A 168 -6.27 8.51 -1.67
N SER A 169 -5.39 7.53 -1.57
CA SER A 169 -4.28 7.35 -2.51
C SER A 169 -4.84 7.13 -3.92
N HIS A 170 -5.97 6.43 -3.98
CA HIS A 170 -6.69 6.21 -5.22
C HIS A 170 -7.04 7.54 -5.91
N ALA A 171 -7.62 8.48 -5.16
CA ALA A 171 -7.96 9.79 -5.73
C ALA A 171 -6.73 10.53 -6.26
N VAL A 172 -5.64 10.48 -5.50
CA VAL A 172 -4.39 11.10 -5.90
C VAL A 172 -3.87 10.54 -7.24
N ILE A 173 -3.75 9.22 -7.32
CA ILE A 173 -3.10 8.60 -8.48
C ILE A 173 -3.95 8.70 -9.76
N THR A 174 -5.27 8.78 -9.60
CA THR A 174 -6.17 8.92 -10.75
C THR A 174 -6.42 10.38 -11.14
N GLY A 175 -5.73 11.30 -10.48
CA GLY A 175 -5.80 12.73 -10.80
C GLY A 175 -7.10 13.39 -10.39
N LYS A 176 -7.70 12.89 -9.30
CA LYS A 176 -8.99 13.41 -8.83
C LYS A 176 -8.85 14.22 -7.55
N TRP A 177 -7.62 14.47 -7.12
CA TRP A 177 -7.37 15.20 -5.88
C TRP A 177 -6.95 16.64 -6.13
N SER A 178 -7.61 17.57 -5.43
CA SER A 178 -7.25 18.99 -5.45
C SER A 178 -6.58 19.39 -4.13
N PRO A 179 -5.25 19.60 -4.15
CA PRO A 179 -4.57 20.05 -2.93
C PRO A 179 -5.22 21.28 -2.32
N SER A 180 -5.32 21.32 -1.00
CA SER A 180 -5.83 22.49 -0.28
C SER A 180 -4.71 23.52 -0.14
N GLY A 181 -5.07 24.70 0.39
CA GLY A 181 -4.06 25.70 0.76
C GLY A 181 -3.00 25.14 1.70
N ALA A 182 -3.44 24.35 2.68
CA ALA A 182 -2.54 23.70 3.62
C ALA A 182 -1.60 22.72 2.91
N ASP A 183 -2.15 21.97 1.95
CA ASP A 183 -1.35 21.06 1.14
C ASP A 183 -0.27 21.80 0.32
N ARG A 184 -0.65 22.92 -0.29
CA ARG A 184 0.28 23.72 -1.08
C ARG A 184 1.42 24.26 -0.22
N ALA A 185 1.08 24.77 0.96
CA ALA A 185 2.07 25.30 1.91
C ALA A 185 3.04 24.22 2.38
N ALA A 186 2.55 22.97 2.42
CA ALA A 186 3.35 21.83 2.84
C ALA A 186 4.16 21.23 1.68
N GLY A 187 3.99 21.76 0.48
CA GLY A 187 4.67 21.25 -0.70
C GLY A 187 4.11 19.93 -1.21
N ARG A 188 2.88 19.60 -0.82
CA ARG A 188 2.22 18.36 -1.25
C ARG A 188 1.47 18.54 -2.57
N ALA A 189 2.12 18.15 -3.67
CA ALA A 189 1.54 18.21 -5.01
C ALA A 189 1.09 16.80 -5.43
N PRO A 190 0.08 16.71 -6.32
CA PRO A 190 -0.42 15.40 -6.75
C PRO A 190 0.66 14.55 -7.42
N GLY A 191 0.73 13.29 -7.01
CA GLY A 191 1.67 12.34 -7.58
C GLY A 191 1.94 11.20 -6.62
N PHE A 192 2.82 10.30 -7.02
CA PHE A 192 3.19 9.12 -6.24
C PHE A 192 3.76 9.50 -4.87
N GLY A 193 4.48 10.61 -4.82
CA GLY A 193 5.12 11.08 -3.58
C GLY A 193 4.18 11.30 -2.42
N VAL A 194 3.06 11.99 -2.67
CA VAL A 194 2.11 12.27 -1.61
C VAL A 194 1.42 10.99 -1.12
N ILE A 195 1.36 9.97 -1.97
CA ILE A 195 0.84 8.66 -1.56
C ILE A 195 1.74 8.02 -0.50
N THR A 196 3.06 8.09 -0.71
CA THR A 196 4.03 7.67 0.31
C THR A 196 3.75 8.41 1.62
N ASN A 197 3.50 9.72 1.49
CA ASN A 197 3.16 10.56 2.64
C ASN A 197 1.88 10.10 3.35
N ILE A 198 0.85 9.77 2.57
CA ILE A 198 -0.41 9.24 3.11
C ILE A 198 -0.18 7.94 3.91
N ILE A 199 0.62 7.05 3.34
CA ILE A 199 0.88 5.72 3.93
C ILE A 199 1.77 5.78 5.18
N ASN A 200 2.88 6.50 5.11
CA ASN A 200 3.85 6.50 6.20
C ASN A 200 4.67 7.79 6.31
N GLY A 201 4.04 8.92 5.99
CA GLY A 201 4.74 10.22 5.92
C GLY A 201 5.41 10.70 7.18
N GLY A 202 4.86 10.36 8.33
CA GLY A 202 5.44 10.72 9.63
C GLY A 202 6.88 10.25 9.75
N LEU A 203 7.15 9.03 9.28
CA LEU A 203 8.47 8.45 9.44
C LEU A 203 9.38 8.66 8.24
N GLU A 204 8.80 8.92 7.07
CA GLU A 204 9.58 8.92 5.81
C GLU A 204 9.72 10.25 5.06
N CYS A 205 8.78 11.17 5.28
CA CYS A 205 8.69 12.36 4.42
C CYS A 205 9.18 13.66 5.06
N GLY A 206 9.61 14.58 4.21
CA GLY A 206 9.97 15.93 4.63
C GLY A 206 11.32 16.09 5.31
N HIS A 207 12.15 15.06 5.25
CA HIS A 207 13.50 15.13 5.82
C HIS A 207 14.62 14.80 4.82
N GLY A 208 14.36 15.07 3.55
CA GLY A 208 15.32 14.82 2.49
C GLY A 208 15.39 13.35 2.09
N GLN A 209 16.52 12.99 1.49
CA GLN A 209 16.73 11.66 0.94
C GLN A 209 16.40 10.57 1.96
N ASP A 210 15.64 9.57 1.52
CA ASP A 210 15.20 8.47 2.37
C ASP A 210 15.09 7.20 1.53
N SER A 211 15.80 6.15 1.94
CA SER A 211 15.91 4.92 1.14
C SER A 211 14.59 4.16 1.01
N ARG A 212 13.71 4.32 2.00
CA ARG A 212 12.37 3.72 1.94
C ARG A 212 11.52 4.39 0.87
N VAL A 213 11.55 5.73 0.84
CA VAL A 213 10.87 6.51 -0.18
C VAL A 213 11.41 6.15 -1.56
N ALA A 214 12.74 6.06 -1.68
CA ALA A 214 13.41 5.66 -2.93
C ALA A 214 13.01 4.27 -3.40
N ASP A 215 12.93 3.32 -2.45
CA ASP A 215 12.52 1.94 -2.74
C ASP A 215 11.12 1.90 -3.36
N ARG A 216 10.19 2.66 -2.78
CA ARG A 216 8.82 2.74 -3.29
C ARG A 216 8.83 3.21 -4.75
N ILE A 217 9.63 4.23 -5.04
CA ILE A 217 9.72 4.78 -6.40
C ILE A 217 10.30 3.77 -7.39
N GLY A 218 11.30 3.00 -6.94
CA GLY A 218 11.92 1.95 -7.75
C GLY A 218 10.93 0.88 -8.21
N PHE A 219 10.12 0.38 -7.28
CA PHE A 219 9.02 -0.51 -7.61
C PHE A 219 8.04 0.15 -8.59
N TYR A 220 7.68 1.40 -8.32
CA TYR A 220 6.71 2.11 -9.16
C TYR A 220 7.16 2.25 -10.61
N LYS A 221 8.41 2.63 -10.80
CA LYS A 221 8.94 2.81 -12.16
C LYS A 221 9.00 1.47 -12.89
N ARG A 222 9.44 0.42 -12.20
CA ARG A 222 9.47 -0.91 -12.79
C ARG A 222 8.08 -1.41 -13.20
N TYR A 223 7.10 -1.21 -12.31
CA TYR A 223 5.75 -1.68 -12.57
C TYR A 223 5.05 -0.86 -13.67
N CYS A 224 5.29 0.44 -13.69
CA CYS A 224 4.78 1.29 -14.77
C CYS A 224 5.40 0.91 -16.12
N ASP A 225 6.69 0.57 -16.12
CA ASP A 225 7.36 0.12 -17.35
C ASP A 225 6.74 -1.16 -17.87
N ILE A 226 6.41 -2.07 -16.95
CA ILE A 226 5.80 -3.36 -17.30
C ILE A 226 4.40 -3.20 -17.89
N LEU A 227 3.56 -2.38 -17.27
CA LEU A 227 2.20 -2.14 -17.78
C LEU A 227 2.17 -1.25 -19.02
N GLY A 228 3.21 -0.42 -19.18
CA GLY A 228 3.29 0.51 -20.31
C GLY A 228 2.59 1.82 -20.05
N VAL A 229 3.04 2.54 -19.02
CA VAL A 229 2.45 3.82 -18.64
C VAL A 229 3.52 4.74 -18.06
N GLY A 230 3.36 6.05 -18.28
CA GLY A 230 4.25 7.05 -17.69
C GLY A 230 4.07 7.16 -16.19
N TYR A 231 5.11 7.62 -15.50
CA TYR A 231 5.09 7.69 -14.03
C TYR A 231 4.25 8.83 -13.47
N GLY A 232 4.09 9.90 -14.25
CA GLY A 232 3.54 11.14 -13.73
C GLY A 232 4.62 11.93 -13.00
N ASP A 233 4.23 13.03 -12.39
CA ASP A 233 5.18 13.92 -11.70
C ASP A 233 5.18 13.71 -10.19
N ASN A 234 6.13 14.39 -9.52
CA ASN A 234 6.19 14.47 -8.06
C ASN A 234 6.23 13.08 -7.38
N LEU A 235 7.25 12.31 -7.73
CA LEU A 235 7.35 10.91 -7.28
C LEU A 235 7.84 10.75 -5.84
N ASP A 236 8.51 11.77 -5.32
CA ASP A 236 9.07 11.69 -3.97
C ASP A 236 8.34 12.61 -2.99
N CYS A 237 8.61 12.41 -1.70
CA CYS A 237 8.10 13.28 -0.65
C CYS A 237 9.22 13.86 0.22
N TYR A 238 10.44 13.91 -0.32
CA TYR A 238 11.61 14.40 0.42
C TYR A 238 11.45 15.82 0.95
N ASN A 239 10.62 16.61 0.26
CA ASN A 239 10.33 17.99 0.66
C ASN A 239 8.86 18.26 0.90
N GLN A 240 8.14 17.22 1.32
CA GLN A 240 6.75 17.37 1.72
C GLN A 240 6.64 17.27 3.22
N ARG A 241 5.96 18.24 3.83
CA ARG A 241 5.62 18.11 5.24
C ARG A 241 4.63 16.95 5.37
N PRO A 242 4.78 16.13 6.42
CA PRO A 242 3.78 15.09 6.68
C PRO A 242 2.41 15.72 6.95
N PHE A 243 1.34 14.93 6.77
CA PHE A 243 -0.02 15.42 7.01
C PHE A 243 -0.28 15.83 8.46
N ALA A 244 0.42 15.18 9.38
CA ALA A 244 0.41 15.56 10.80
C ALA A 244 1.70 15.19 11.51
C1 NAG B . 22.48 -8.65 3.22
C2 NAG B . 22.22 -7.16 2.98
C3 NAG B . 20.80 -6.84 3.47
C4 NAG B . 19.76 -7.80 2.87
C5 NAG B . 20.22 -9.26 2.88
C6 NAG B . 19.34 -10.11 1.96
C7 NAG B . 24.05 -5.48 3.05
C8 NAG B . 25.01 -4.75 3.94
N2 NAG B . 23.22 -6.35 3.67
O1 NAG B . 23.79 -8.98 2.81
O3 NAG B . 20.50 -5.51 3.12
O4 NAG B . 18.55 -7.78 3.62
O5 NAG B . 21.57 -9.38 2.43
O6 NAG B . 19.44 -9.64 0.63
O7 NAG B . 24.05 -5.24 1.84
C1 NAG B . 17.57 -6.88 3.06
C2 NAG B . 16.18 -7.37 3.50
C3 NAG B . 15.09 -6.36 3.19
C4 NAG B . 15.48 -4.97 3.69
C5 NAG B . 16.87 -4.59 3.16
C6 NAG B . 17.35 -3.24 3.68
C7 NAG B . 15.61 -9.74 3.62
C8 NAG B . 15.27 -10.98 2.87
N2 NAG B . 15.85 -8.64 2.90
O3 NAG B . 13.91 -6.85 3.79
O4 NAG B . 14.57 -3.97 3.25
O5 NAG B . 17.82 -5.57 3.52
O6 NAG B . 18.61 -2.99 3.11
O7 NAG B . 15.65 -9.76 4.86
C1 NAG B . 13.60 -3.65 4.26
C2 NAG B . 13.01 -2.25 4.02
C3 NAG B . 11.95 -1.92 5.07
C4 NAG B . 10.92 -3.06 5.19
C5 NAG B . 11.63 -4.41 5.34
C6 NAG B . 10.66 -5.59 5.41
C7 NAG B . 14.26 -0.36 3.05
C8 NAG B . 15.37 0.63 3.25
N2 NAG B . 14.06 -1.23 4.04
O3 NAG B . 11.31 -0.70 4.77
O4 NAG B . 10.15 -2.86 6.36
O5 NAG B . 12.56 -4.61 4.29
O6 NAG B . 9.72 -5.55 4.36
O7 NAG B . 13.61 -0.35 2.00
C1 NAG B . 8.88 -2.26 6.09
C2 NAG B . 7.87 -2.86 7.08
C3 NAG B . 6.58 -2.06 7.14
C4 NAG B . 6.86 -0.56 7.26
C5 NAG B . 7.81 -0.10 6.16
C6 NAG B . 8.21 1.36 6.31
C7 NAG B . 7.88 -5.30 7.45
C8 NAG B . 7.50 -6.63 6.88
N2 NAG B . 7.58 -4.24 6.70
O3 NAG B . 5.81 -2.51 8.23
O4 NAG B . 5.64 0.15 7.16
O5 NAG B . 9.01 -0.86 6.24
O6 NAG B . 8.97 1.76 5.19
O7 NAG B . 8.44 -5.26 8.54
C1 NAG C . 4.62 0.61 10.72
C2 NAG C . 4.77 2.06 11.19
C3 NAG C . 3.38 2.71 11.16
C4 NAG C . 2.78 2.65 9.75
C5 NAG C . 2.91 1.25 9.13
C6 NAG C . 2.65 1.32 7.62
C7 NAG C . 6.67 2.09 12.80
C8 NAG C . 7.07 2.36 14.22
N2 NAG C . 5.37 2.25 12.50
O1 NAG C . 5.87 -0.05 10.76
O3 NAG C . 3.46 4.04 11.62
O4 NAG C . 1.39 2.91 9.82
O5 NAG C . 4.17 0.62 9.37
O6 NAG C . 3.63 2.12 6.98
O7 NAG C . 7.54 1.76 11.97
C1 NAG C . 1.03 4.25 9.46
C2 NAG C . -0.41 4.23 8.98
C3 NAG C . -1.02 5.63 8.84
C4 NAG C . -0.72 6.52 10.06
C5 NAG C . 0.78 6.45 10.40
C6 NAG C . 1.15 7.20 11.68
C7 NAG C . -1.02 2.28 7.62
C8 NAG C . -1.03 1.66 6.26
N2 NAG C . -0.50 3.50 7.72
O3 NAG C . -2.43 5.49 8.67
O4 NAG C . -1.04 7.85 9.71
O5 NAG C . 1.18 5.11 10.59
O6 NAG C . 2.56 7.21 11.81
O7 NAG C . -1.49 1.66 8.57
C1 NAG C . -1.88 8.48 10.69
C2 NAG C . -1.66 9.99 10.66
C3 NAG C . -2.57 10.67 11.70
C4 NAG C . -4.03 10.26 11.49
C5 NAG C . -4.16 8.73 11.38
C6 NAG C . -5.56 8.30 10.97
C7 NAG C . 0.57 10.64 9.86
C8 NAG C . 1.97 11.04 10.24
N2 NAG C . -0.27 10.39 10.87
O3 NAG C . -2.43 12.08 11.64
O4 NAG C . -4.76 10.65 12.64
O5 NAG C . -3.23 8.18 10.45
O6 NAG C . -5.84 8.72 9.66
O7 NAG C . 0.26 10.55 8.67
C1 NAG C . -5.78 11.62 12.35
C2 NAG C . -6.78 11.61 13.50
C3 NAG C . -7.83 12.70 13.33
C4 NAG C . -7.14 14.05 13.12
C5 NAG C . -6.12 13.97 11.98
C6 NAG C . -5.31 15.25 11.89
C7 NAG C . -7.07 9.43 14.60
C8 NAG C . -7.86 8.15 14.63
N2 NAG C . -7.43 10.31 13.67
O3 NAG C . -8.64 12.74 14.49
O4 NAG C . -8.10 15.05 12.84
O5 NAG C . -5.20 12.90 12.22
O6 NAG C . -4.37 15.17 10.83
O7 NAG C . -6.15 9.61 15.41
C1 EDO D . 17.13 -11.05 -1.66
O1 EDO D . 17.21 -9.80 -0.94
C2 EDO D . 16.72 -12.18 -0.72
O2 EDO D . 17.77 -12.46 0.22
S SO4 E . -0.36 -17.55 -7.96
O1 SO4 E . 0.35 -17.41 -6.69
O2 SO4 E . -1.08 -18.81 -7.97
O3 SO4 E . -1.31 -16.46 -8.12
O4 SO4 E . 0.61 -17.52 -9.07
S SO4 F . 12.39 -6.94 -15.77
O1 SO4 F . 12.69 -6.12 -14.60
O2 SO4 F . 11.16 -7.70 -15.52
O3 SO4 F . 12.22 -6.08 -16.93
O4 SO4 F . 13.49 -7.86 -16.02
S SO4 G . -4.49 10.78 -17.42
O1 SO4 G . -4.33 12.22 -17.54
O2 SO4 G . -5.13 10.48 -16.13
O3 SO4 G . -5.32 10.27 -18.50
O4 SO4 G . -3.19 10.13 -17.47
S SO4 H . 1.26 -11.26 18.52
O1 SO4 H . 0.51 -10.08 18.98
O2 SO4 H . 1.00 -12.37 19.43
O3 SO4 H . 0.85 -11.63 17.17
O4 SO4 H . 2.68 -10.93 18.52
S SO4 I . 5.74 -9.74 14.86
O1 SO4 I . 4.87 -8.83 15.61
O2 SO4 I . 5.82 -11.01 15.57
O3 SO4 I . 5.20 -9.94 13.52
O4 SO4 I . 7.07 -9.14 14.77
#